data_4HYU
#
_entry.id   4HYU
#
_cell.length_a   60.438
_cell.length_b   81.769
_cell.length_c   82.502
_cell.angle_alpha   90.00
_cell.angle_beta   90.00
_cell.angle_gamma   90.00
#
_symmetry.space_group_name_H-M   'P 21 21 21'
#
loop_
_entity.id
_entity.type
_entity.pdbx_description
1 polymer 'Mitogen-activated protein kinase 8'
2 polymer 'C-Jun-amino-terminal kinase-interacting protein 1'
3 non-polymer trans-4-[(4-{4-[3-(methylsulfonyl)propoxy]-1H-indazol-1-yl}pyrimidin-2-yl)amino]cyclohexanol
4 water water
#
loop_
_entity_poly.entity_id
_entity_poly.type
_entity_poly.pdbx_seq_one_letter_code
_entity_poly.pdbx_strand_id
1 'polypeptide(L)'
;MSRSKRDNNFYSVEIGDSTFTVLKRYQNLKPIGSGAQGIVCAAYDAILERNVAIKKLSRPFQNQTHAKRAYRELVLMKCV
NHKNIIGLLNVFTPQKSLEEFQDVYIVMELMDANLCQVIQMELDHERMSYLLYQMLCGIKHLHSAGIIHRDLKPSNIVVK
SDCTLKILDFGLARTAGTSFMMTPYVVTRYYRAPEVILGMGYKENVDIWSVGCIMGEMIKGGVLFPGTDHIDQWNKVIEQ
LGTPCPEFMKKLQPTVRTYVENRPKYAGYSFEKLFPDVLFPADSEHNKLKASQARDLLSKMLVIDASKRISVDEALQHPY
INVWYDPSEAEAPPPKIPDKQLDEREHTIEEWKELIYKEVMDLHHHHHH
;
A
2 'polypeptide(L)' RPKRPTTLNLF B
#
# COMPACT_ATOMS: atom_id res chain seq x y z
N ASN A 8 16.30 -0.80 -32.69
CA ASN A 8 17.08 0.42 -33.08
C ASN A 8 16.74 1.62 -32.18
N ASN A 9 15.47 1.74 -31.82
CA ASN A 9 15.05 2.58 -30.71
C ASN A 9 15.33 1.89 -29.36
N PHE A 10 15.60 0.60 -29.43
CA PHE A 10 15.72 -0.26 -28.26
C PHE A 10 17.11 -0.88 -28.15
N TYR A 11 17.47 -1.29 -26.94
CA TYR A 11 18.64 -2.13 -26.70
C TYR A 11 18.31 -3.12 -25.58
N SER A 12 19.12 -4.18 -25.49
CA SER A 12 18.92 -5.23 -24.51
C SER A 12 19.99 -5.22 -23.42
N VAL A 13 19.56 -5.46 -22.19
CA VAL A 13 20.44 -5.61 -21.03
C VAL A 13 20.06 -6.92 -20.34
N GLU A 14 21.05 -7.75 -20.04
CA GLU A 14 20.80 -8.98 -19.29
C GLU A 14 20.72 -8.72 -17.79
N ILE A 15 19.59 -9.12 -17.21
CA ILE A 15 19.29 -8.88 -15.81
C ILE A 15 19.08 -10.25 -15.18
N GLY A 16 20.14 -10.82 -14.64
CA GLY A 16 20.14 -12.23 -14.30
C GLY A 16 19.73 -13.05 -15.52
N ASP A 17 18.78 -13.95 -15.32
CA ASP A 17 18.31 -14.83 -16.39
C ASP A 17 17.30 -14.16 -17.31
N SER A 18 17.01 -12.90 -17.04
CA SER A 18 16.00 -12.16 -17.78
C SER A 18 16.60 -11.07 -18.68
N THR A 19 16.03 -10.91 -19.88
CA THR A 19 16.45 -9.84 -20.80
C THR A 19 15.47 -8.66 -20.76
N PHE A 20 15.99 -7.50 -20.37
CA PHE A 20 15.26 -6.24 -20.46
C PHE A 20 15.62 -5.60 -21.80
N THR A 21 14.63 -5.47 -22.68
CA THR A 21 14.77 -4.81 -23.96
C THR A 21 13.95 -3.53 -23.90
N VAL A 22 14.66 -2.41 -23.80
CA VAL A 22 14.09 -1.13 -23.39
C VAL A 22 14.52 0.01 -24.31
N LEU A 23 13.76 1.10 -24.30
CA LEU A 23 14.10 2.27 -25.09
C LEU A 23 15.49 2.78 -24.67
N LYS A 24 16.27 3.23 -25.66
CA LYS A 24 17.64 3.70 -25.41
C LYS A 24 17.75 4.80 -24.35
N ARG A 25 16.67 5.59 -24.19
CA ARG A 25 16.58 6.62 -23.16
C ARG A 25 16.81 6.10 -21.73
N TYR A 26 16.56 4.81 -21.52
CA TYR A 26 16.72 4.22 -20.20
C TYR A 26 18.05 3.49 -20.08
N GLN A 27 18.90 4.01 -19.19
CA GLN A 27 20.25 3.50 -19.03
C GLN A 27 20.46 3.18 -17.57
N ASN A 28 21.61 2.57 -17.26
CA ASN A 28 22.01 2.27 -15.89
C ASN A 28 21.05 1.35 -15.17
N LEU A 29 20.52 0.36 -15.87
CA LEU A 29 19.56 -0.60 -15.31
C LEU A 29 20.21 -1.52 -14.29
N LYS A 30 19.54 -1.68 -13.17
CA LYS A 30 19.99 -2.55 -12.11
C LYS A 30 18.74 -3.11 -11.42
N PRO A 31 18.71 -4.43 -11.17
CA PRO A 31 17.53 -5.06 -10.56
C PRO A 31 17.34 -4.64 -9.11
N ILE A 32 16.14 -4.14 -8.78
CA ILE A 32 15.83 -3.78 -7.39
C ILE A 32 14.74 -4.64 -6.75
N GLY A 33 14.16 -5.55 -7.53
CA GLY A 33 13.22 -6.52 -6.96
C GLY A 33 12.50 -7.39 -7.98
N SER A 34 11.87 -8.43 -7.49
CA SER A 34 11.05 -9.29 -8.32
C SER A 34 9.95 -9.94 -7.50
N GLY A 35 8.99 -10.52 -8.21
CA GLY A 35 7.88 -11.24 -7.62
C GLY A 35 7.21 -12.04 -8.72
N ALA A 36 6.03 -12.56 -8.41
CA ALA A 36 5.28 -13.40 -9.31
C ALA A 36 4.86 -12.70 -10.60
N GLN A 37 4.53 -11.41 -10.49
CA GLN A 37 4.01 -10.61 -11.62
C GLN A 37 5.01 -9.75 -12.40
N GLY A 38 6.25 -9.67 -11.94
CA GLY A 38 7.23 -8.85 -12.65
C GLY A 38 8.60 -8.72 -12.03
N ILE A 39 9.54 -8.21 -12.82
CA ILE A 39 10.89 -7.86 -12.37
C ILE A 39 11.03 -6.37 -12.51
N VAL A 40 11.65 -5.75 -11.51
CA VAL A 40 11.77 -4.30 -11.42
C VAL A 40 13.23 -3.87 -11.35
N CYS A 41 13.62 -2.95 -12.23
CA CYS A 41 14.96 -2.36 -12.23
C CYS A 41 14.91 -0.87 -11.92
N ALA A 42 15.90 -0.38 -11.19
CA ALA A 42 16.17 1.07 -11.16
C ALA A 42 16.89 1.43 -12.45
N ALA A 43 16.65 2.64 -12.95
CA ALA A 43 17.26 3.12 -14.18
C ALA A 43 17.35 4.64 -14.18
N TYR A 44 18.12 5.19 -15.10
CA TYR A 44 18.08 6.63 -15.37
C TYR A 44 17.44 6.91 -16.72
N ASP A 45 16.46 7.82 -16.72
CA ASP A 45 15.83 8.27 -17.96
C ASP A 45 16.53 9.52 -18.50
N ALA A 46 17.20 9.36 -19.64
CA ALA A 46 18.00 10.42 -20.25
C ALA A 46 17.17 11.53 -20.88
N ILE A 47 15.91 11.25 -21.21
CA ILE A 47 15.05 12.26 -21.83
C ILE A 47 14.37 13.15 -20.78
N LEU A 48 13.73 12.55 -19.78
CA LEU A 48 13.15 13.30 -18.67
C LEU A 48 14.20 13.83 -17.71
N GLU A 49 15.41 13.25 -17.78
CA GLU A 49 16.51 13.58 -16.89
C GLU A 49 16.17 13.32 -15.42
N ARG A 50 15.74 12.09 -15.14
CA ARG A 50 15.39 11.67 -13.79
C ARG A 50 15.47 10.17 -13.62
N ASN A 51 15.51 9.73 -12.36
CA ASN A 51 15.58 8.32 -12.03
C ASN A 51 14.20 7.67 -12.10
N VAL A 52 14.15 6.48 -12.70
CA VAL A 52 12.90 5.74 -12.88
C VAL A 52 13.00 4.29 -12.36
N ALA A 53 11.84 3.68 -12.13
CA ALA A 53 11.75 2.25 -11.90
C ALA A 53 11.09 1.63 -13.14
N ILE A 54 11.71 0.59 -13.68
CA ILE A 54 11.18 -0.10 -14.86
C ILE A 54 10.72 -1.48 -14.48
N LYS A 55 9.42 -1.74 -14.65
CA LYS A 55 8.85 -3.05 -14.34
C LYS A 55 8.52 -3.84 -15.59
N LYS A 56 9.22 -4.95 -15.79
CA LYS A 56 8.90 -5.88 -16.87
C LYS A 56 7.92 -6.93 -16.32
N LEU A 57 6.71 -6.94 -16.86
CA LEU A 57 5.71 -7.92 -16.44
C LEU A 57 6.19 -9.34 -16.71
N SER A 58 5.88 -10.23 -15.77
CA SER A 58 6.29 -11.63 -15.85
C SER A 58 5.13 -12.52 -16.28
N ARG A 59 5.33 -13.23 -17.39
CA ARG A 59 4.29 -14.12 -17.95
C ARG A 59 2.89 -13.50 -17.92
N PRO A 60 2.70 -12.37 -18.65
CA PRO A 60 1.36 -11.79 -18.65
C PRO A 60 0.32 -12.61 -19.43
N PHE A 61 0.77 -13.45 -20.36
CA PHE A 61 -0.15 -14.24 -21.20
C PHE A 61 -0.07 -15.76 -21.03
N GLN A 62 0.49 -16.21 -19.91
CA GLN A 62 0.57 -17.64 -19.61
C GLN A 62 -0.84 -18.23 -19.58
N ASN A 63 -1.74 -17.54 -18.89
CA ASN A 63 -3.15 -17.91 -18.85
C ASN A 63 -4.08 -16.69 -18.76
N GLN A 64 -5.38 -16.94 -18.76
CA GLN A 64 -6.40 -15.91 -18.70
C GLN A 64 -6.37 -15.08 -17.43
N THR A 65 -5.98 -15.69 -16.31
CA THR A 65 -5.92 -14.98 -15.02
C THR A 65 -4.75 -13.98 -14.96
N HIS A 66 -3.59 -14.39 -15.46
CA HIS A 66 -2.43 -13.51 -15.61
C HIS A 66 -2.78 -12.31 -16.50
N ALA A 67 -3.33 -12.60 -17.67
CA ALA A 67 -3.70 -11.57 -18.64
C ALA A 67 -4.71 -10.58 -18.05
N LYS A 68 -5.67 -11.11 -17.31
CA LYS A 68 -6.73 -10.29 -16.69
C LYS A 68 -6.14 -9.31 -15.68
N ARG A 69 -5.21 -9.79 -14.84
CA ARG A 69 -4.53 -8.97 -13.84
C ARG A 69 -3.63 -7.91 -14.48
N ALA A 70 -2.85 -8.34 -15.48
CA ALA A 70 -1.97 -7.43 -16.23
C ALA A 70 -2.78 -6.31 -16.87
N TYR A 71 -3.94 -6.65 -17.44
CA TYR A 71 -4.81 -5.65 -18.05
C TYR A 71 -5.34 -4.70 -16.99
N ARG A 72 -5.76 -5.27 -15.85
CA ARG A 72 -6.27 -4.50 -14.70
C ARG A 72 -5.25 -3.48 -14.20
N GLU A 73 -4.01 -3.92 -13.99
CA GLU A 73 -2.91 -3.05 -13.54
C GLU A 73 -2.61 -1.90 -14.50
N LEU A 74 -2.48 -2.21 -15.80
CA LEU A 74 -2.26 -1.19 -16.82
C LEU A 74 -3.31 -0.08 -16.80
N VAL A 75 -4.57 -0.48 -16.80
CA VAL A 75 -5.70 0.46 -16.86
C VAL A 75 -5.75 1.37 -15.62
N LEU A 76 -5.65 0.79 -14.43
CA LEU A 76 -5.73 1.53 -13.17
C LEU A 76 -4.62 2.57 -13.02
N MET A 77 -3.41 2.19 -13.43
CA MET A 77 -2.25 3.08 -13.42
C MET A 77 -2.40 4.26 -14.38
N LYS A 78 -3.03 3.99 -15.53
CA LYS A 78 -3.30 5.03 -16.51
C LYS A 78 -4.37 5.99 -16.01
N CYS A 79 -5.42 5.44 -15.42
CA CYS A 79 -6.62 6.21 -15.06
C CYS A 79 -6.50 6.92 -13.72
N VAL A 80 -5.89 6.26 -12.75
CA VAL A 80 -5.59 6.88 -11.46
C VAL A 80 -4.38 7.81 -11.60
N ASN A 81 -4.60 9.06 -11.23
CA ASN A 81 -3.54 10.06 -11.17
C ASN A 81 -3.70 10.83 -9.87
N HIS A 82 -2.75 10.67 -8.96
CA HIS A 82 -2.74 11.36 -7.69
C HIS A 82 -1.33 11.38 -7.10
N LYS A 83 -0.93 12.53 -6.57
CA LYS A 83 0.42 12.72 -6.04
C LYS A 83 0.86 11.67 -5.00
N ASN A 84 -0.10 11.05 -4.32
CA ASN A 84 0.17 10.05 -3.28
C ASN A 84 -0.05 8.61 -3.72
N ILE A 85 -0.11 8.42 -5.03
CA ILE A 85 -0.21 7.08 -5.63
C ILE A 85 0.85 7.00 -6.71
N ILE A 86 1.61 5.90 -6.75
CA ILE A 86 2.65 5.77 -7.77
C ILE A 86 2.03 5.92 -9.16
N GLY A 87 2.66 6.75 -9.98
CA GLY A 87 2.14 7.10 -11.28
C GLY A 87 2.85 6.41 -12.42
N LEU A 88 2.19 6.45 -13.57
CA LEU A 88 2.75 5.96 -14.83
C LEU A 88 3.49 7.06 -15.57
N LEU A 89 4.79 6.87 -15.80
CA LEU A 89 5.56 7.80 -16.58
C LEU A 89 5.50 7.42 -18.06
N ASN A 90 5.43 6.10 -18.31
CA ASN A 90 5.51 5.53 -19.65
C ASN A 90 5.12 4.04 -19.62
N VAL A 91 4.66 3.55 -20.76
CA VAL A 91 4.49 2.11 -21.00
C VAL A 91 5.02 1.83 -22.40
N PHE A 92 5.67 0.69 -22.59
CA PHE A 92 6.11 0.31 -23.93
C PHE A 92 6.24 -1.20 -24.14
N THR A 93 6.23 -1.60 -25.41
CA THR A 93 6.67 -2.94 -25.78
C THR A 93 7.78 -2.83 -26.82
N PRO A 94 8.82 -3.68 -26.71
CA PRO A 94 9.82 -3.72 -27.75
C PRO A 94 9.34 -4.39 -29.05
N GLN A 95 8.17 -5.01 -29.03
CA GLN A 95 7.68 -5.71 -30.23
C GLN A 95 6.85 -4.82 -31.14
N LYS A 96 6.91 -5.13 -32.44
CA LYS A 96 6.50 -4.18 -33.46
C LYS A 96 5.09 -4.42 -33.99
N SER A 97 4.45 -5.50 -33.54
CA SER A 97 3.11 -5.86 -33.97
C SER A 97 2.37 -6.68 -32.91
N LEU A 98 1.07 -6.84 -33.10
CA LEU A 98 0.25 -7.70 -32.23
C LEU A 98 0.67 -9.17 -32.34
N GLU A 99 1.05 -9.59 -33.54
CA GLU A 99 1.45 -10.97 -33.79
C GLU A 99 2.73 -11.34 -33.03
N GLU A 100 3.62 -10.36 -32.87
CA GLU A 100 4.89 -10.57 -32.16
C GLU A 100 4.80 -10.22 -30.67
N PHE A 101 3.81 -9.40 -30.32
CA PHE A 101 3.63 -8.84 -28.98
C PHE A 101 3.81 -9.86 -27.85
N GLN A 102 4.74 -9.57 -26.95
CA GLN A 102 5.10 -10.46 -25.86
C GLN A 102 5.29 -9.75 -24.52
N ASP A 103 5.97 -8.61 -24.55
CA ASP A 103 6.51 -7.97 -23.34
C ASP A 103 5.91 -6.60 -23.08
N VAL A 104 5.57 -6.35 -21.83
CA VAL A 104 5.05 -5.06 -21.37
C VAL A 104 6.00 -4.48 -20.32
N TYR A 105 6.40 -3.24 -20.54
CA TYR A 105 7.29 -2.52 -19.62
C TYR A 105 6.60 -1.27 -19.11
N ILE A 106 6.55 -1.15 -17.79
CA ILE A 106 5.86 -0.04 -17.13
C ILE A 106 6.91 0.80 -16.41
N VAL A 107 6.88 2.11 -16.66
CA VAL A 107 7.88 3.00 -16.09
C VAL A 107 7.24 3.92 -15.06
N MET A 108 7.84 3.94 -13.87
CA MET A 108 7.40 4.76 -12.76
C MET A 108 8.53 5.66 -12.29
N GLU A 109 8.18 6.67 -11.50
CA GLU A 109 9.16 7.48 -10.79
C GLU A 109 9.90 6.59 -9.80
N LEU A 110 11.22 6.76 -9.71
CA LEU A 110 12.00 6.02 -8.73
C LEU A 110 12.00 6.72 -7.37
N MET A 111 11.35 6.06 -6.40
CA MET A 111 11.36 6.47 -5.00
C MET A 111 12.61 5.98 -4.26
N ASP A 112 12.90 6.62 -3.14
CA ASP A 112 14.15 6.40 -2.40
C ASP A 112 14.09 5.20 -1.47
N ALA A 113 12.93 4.97 -0.84
CA ALA A 113 12.78 3.93 0.17
C ALA A 113 11.31 3.58 0.37
N ASN A 114 11.05 2.38 0.87
CA ASN A 114 9.76 2.05 1.48
C ASN A 114 9.75 2.49 2.94
N LEU A 115 8.63 2.28 3.64
CA LEU A 115 8.53 2.74 5.03
C LEU A 115 9.19 1.83 6.09
N CYS A 116 9.68 0.66 5.70
CA CYS A 116 10.13 -0.38 6.65
C CYS A 116 11.14 0.05 7.74
N GLN A 117 12.18 0.76 7.34
CA GLN A 117 13.18 1.20 8.30
C GLN A 117 12.80 2.55 8.86
N VAL A 118 12.32 3.42 7.97
CA VAL A 118 11.95 4.80 8.27
C VAL A 118 11.05 4.93 9.51
N ILE A 119 10.02 4.10 9.58
CA ILE A 119 9.03 4.20 10.66
C ILE A 119 9.57 3.83 12.04
N GLN A 120 10.64 3.04 12.08
CA GLN A 120 11.27 2.62 13.34
C GLN A 120 12.40 3.59 13.77
N MET A 121 12.81 4.47 12.87
CA MET A 121 13.61 5.66 13.23
C MET A 121 12.64 6.64 13.86
N GLU A 122 13.00 7.23 14.99
CA GLU A 122 12.03 8.06 15.71
C GLU A 122 11.75 9.38 14.98
N LEU A 123 10.48 9.62 14.71
CA LEU A 123 10.03 10.79 13.96
C LEU A 123 9.31 11.77 14.87
N ASP A 124 9.41 13.05 14.55
CA ASP A 124 8.66 14.09 15.26
C ASP A 124 7.18 14.05 14.88
N HIS A 125 6.34 14.78 15.62
CA HIS A 125 4.90 14.81 15.33
C HIS A 125 4.60 15.32 13.92
N GLU A 126 5.33 16.33 13.48
CA GLU A 126 5.15 16.92 12.15
C GLU A 126 5.35 15.88 11.04
N ARG A 127 6.42 15.10 11.14
CA ARG A 127 6.71 14.08 10.12
C ARG A 127 5.76 12.89 10.19
N MET A 128 5.48 12.46 11.42
CA MET A 128 4.50 11.42 11.70
C MET A 128 3.15 11.75 11.04
N SER A 129 2.58 12.90 11.42
CA SER A 129 1.26 13.26 10.94
C SER A 129 1.26 13.62 9.45
N TYR A 130 2.28 14.33 8.98
CA TYR A 130 2.38 14.63 7.55
C TYR A 130 2.41 13.38 6.67
N LEU A 131 3.22 12.40 7.06
CA LEU A 131 3.27 11.12 6.32
C LEU A 131 1.93 10.38 6.35
N LEU A 132 1.26 10.42 7.49
CA LEU A 132 -0.03 9.76 7.67
C LEU A 132 -1.13 10.47 6.88
N TYR A 133 -1.02 11.79 6.81
CA TYR A 133 -1.93 12.60 5.99
C TYR A 133 -1.86 12.20 4.53
N GLN A 134 -0.64 12.01 4.02
CA GLN A 134 -0.43 11.65 2.61
C GLN A 134 -0.95 10.26 2.33
N MET A 135 -0.69 9.33 3.25
CA MET A 135 -1.21 7.96 3.18
C MET A 135 -2.72 7.97 2.99
N LEU A 136 -3.42 8.65 3.90
CA LEU A 136 -4.89 8.73 3.87
C LEU A 136 -5.43 9.37 2.59
N CYS A 137 -4.77 10.44 2.11
CA CYS A 137 -5.11 11.06 0.82
C CYS A 137 -4.99 10.05 -0.33
N GLY A 138 -3.94 9.24 -0.30
CA GLY A 138 -3.75 8.20 -1.32
C GLY A 138 -4.85 7.16 -1.28
N ILE A 139 -5.11 6.65 -0.08
CA ILE A 139 -6.16 5.66 0.17
C ILE A 139 -7.53 6.19 -0.22
N LYS A 140 -7.84 7.41 0.20
CA LYS A 140 -9.14 8.01 -0.15
C LYS A 140 -9.32 8.07 -1.67
N HIS A 141 -8.24 8.40 -2.37
CA HIS A 141 -8.29 8.42 -3.83
C HIS A 141 -8.46 7.02 -4.42
N LEU A 142 -7.78 6.03 -3.85
CA LEU A 142 -8.00 4.65 -4.27
C LEU A 142 -9.47 4.22 -4.08
N HIS A 143 -10.03 4.53 -2.92
CA HIS A 143 -11.42 4.16 -2.62
C HIS A 143 -12.41 4.86 -3.55
N SER A 144 -12.11 6.10 -3.94
CA SER A 144 -12.94 6.85 -4.89
C SER A 144 -12.97 6.21 -6.28
N ALA A 145 -11.89 5.54 -6.66
CA ALA A 145 -11.82 4.78 -7.90
C ALA A 145 -12.32 3.34 -7.73
N GLY A 146 -12.92 3.04 -6.58
CA GLY A 146 -13.43 1.71 -6.29
C GLY A 146 -12.36 0.67 -6.00
N ILE A 147 -11.19 1.14 -5.59
CA ILE A 147 -10.11 0.23 -5.18
C ILE A 147 -9.98 0.22 -3.66
N ILE A 148 -10.19 -0.95 -3.06
CA ILE A 148 -9.94 -1.12 -1.64
C ILE A 148 -8.73 -2.03 -1.55
N HIS A 149 -7.66 -1.52 -0.96
CA HIS A 149 -6.35 -2.18 -1.01
C HIS A 149 -6.33 -3.54 -0.30
N ARG A 150 -6.59 -3.51 1.01
CA ARG A 150 -6.65 -4.69 1.89
C ARG A 150 -5.29 -5.26 2.31
N ASP A 151 -4.19 -4.69 1.82
CA ASP A 151 -2.85 -5.22 2.15
C ASP A 151 -1.79 -4.12 2.25
N LEU A 152 -2.19 -2.95 2.73
CA LEU A 152 -1.24 -1.87 2.97
C LEU A 152 -0.25 -2.30 4.06
N LYS A 153 1.02 -2.13 3.76
CA LYS A 153 2.10 -2.38 4.70
C LYS A 153 3.27 -1.41 4.41
N PRO A 154 4.24 -1.30 5.34
CA PRO A 154 5.40 -0.45 5.06
C PRO A 154 6.13 -0.79 3.75
N SER A 155 6.18 -2.07 3.38
CA SER A 155 6.91 -2.48 2.18
C SER A 155 6.27 -2.06 0.85
N ASN A 156 4.96 -1.81 0.85
CA ASN A 156 4.32 -1.32 -0.38
C ASN A 156 3.84 0.14 -0.31
N ILE A 157 4.53 0.91 0.52
CA ILE A 157 4.33 2.35 0.61
C ILE A 157 5.71 2.99 0.53
N VAL A 158 5.89 3.91 -0.40
CA VAL A 158 7.23 4.42 -0.68
C VAL A 158 7.38 5.91 -0.46
N VAL A 159 8.61 6.32 -0.17
CA VAL A 159 8.91 7.70 0.18
C VAL A 159 10.16 8.23 -0.52
N LYS A 160 10.33 9.54 -0.42
CA LYS A 160 11.55 10.21 -0.86
C LYS A 160 12.13 11.09 0.24
N SER A 161 13.41 11.42 0.08
CA SER A 161 14.17 12.17 1.08
C SER A 161 13.59 13.57 1.33
N ASP A 162 12.64 13.97 0.50
CA ASP A 162 11.94 15.24 0.67
C ASP A 162 10.62 15.11 1.45
N CYS A 163 10.41 13.94 2.05
CA CYS A 163 9.24 13.64 2.89
C CYS A 163 7.90 13.52 2.13
N THR A 164 7.97 13.14 0.85
CA THR A 164 6.75 12.85 0.08
C THR A 164 6.53 11.34 0.03
N LEU A 165 5.30 10.95 -0.21
CA LEU A 165 4.90 9.56 -0.03
C LEU A 165 3.88 9.13 -1.07
N LYS A 166 4.07 7.91 -1.57
CA LYS A 166 3.16 7.32 -2.54
C LYS A 166 2.89 5.88 -2.16
N ILE A 167 1.65 5.45 -2.41
CA ILE A 167 1.27 4.05 -2.30
C ILE A 167 1.74 3.35 -3.59
N LEU A 168 2.35 2.18 -3.42
CA LEU A 168 3.05 1.53 -4.54
C LEU A 168 2.12 0.77 -5.47
N ASP A 169 1.13 0.08 -4.91
CA ASP A 169 0.28 -0.79 -5.71
C ASP A 169 -1.19 -0.76 -5.30
N PHE A 170 -2.01 -1.58 -5.95
CA PHE A 170 -3.46 -1.53 -5.78
C PHE A 170 -4.01 -2.67 -4.90
N GLY A 171 -3.11 -3.48 -4.35
CA GLY A 171 -3.47 -4.54 -3.42
C GLY A 171 -4.28 -5.70 -4.00
N LEU A 172 -5.03 -6.35 -3.11
CA LEU A 172 -5.94 -7.45 -3.46
C LEU A 172 -7.33 -6.91 -3.79
N THR A 188 3.91 -11.52 5.24
CA THR A 188 3.83 -10.43 6.22
C THR A 188 2.37 -10.14 6.57
N ARG A 189 1.90 -10.69 7.69
CA ARG A 189 0.51 -10.55 8.10
C ARG A 189 0.27 -9.55 9.22
N TYR A 190 1.29 -8.78 9.59
CA TYR A 190 1.23 -7.88 10.75
C TYR A 190 0.25 -6.72 10.62
N TYR A 191 -0.09 -6.35 9.38
CA TYR A 191 -0.83 -5.12 9.11
C TYR A 191 -2.21 -5.44 8.58
N ARG A 192 -2.52 -6.74 8.52
CA ARG A 192 -3.79 -7.24 8.00
C ARG A 192 -4.90 -7.05 9.04
N ALA A 193 -5.98 -6.44 8.60
CA ALA A 193 -7.15 -6.20 9.44
C ALA A 193 -7.79 -7.50 9.94
N PRO A 194 -8.48 -7.45 11.10
CA PRO A 194 -9.22 -8.62 11.58
C PRO A 194 -10.16 -9.21 10.53
N GLU A 195 -10.85 -8.37 9.75
CA GLU A 195 -11.70 -8.83 8.63
C GLU A 195 -10.94 -9.79 7.74
N VAL A 196 -9.70 -9.44 7.44
CA VAL A 196 -8.89 -10.21 6.51
C VAL A 196 -8.41 -11.50 7.20
N ILE A 197 -7.82 -11.33 8.38
CA ILE A 197 -7.34 -12.44 9.21
C ILE A 197 -8.40 -13.54 9.31
N LEU A 198 -9.63 -13.13 9.61
CA LEU A 198 -10.73 -14.06 9.78
C LEU A 198 -11.48 -14.14 8.45
N GLY A 199 -12.61 -14.82 8.38
CA GLY A 199 -13.22 -15.01 7.05
C GLY A 199 -14.21 -13.96 6.61
N MET A 200 -14.00 -12.70 6.99
CA MET A 200 -15.10 -11.74 7.02
C MET A 200 -15.28 -10.86 5.78
N GLY A 201 -16.46 -10.27 5.67
CA GLY A 201 -16.69 -9.18 4.72
C GLY A 201 -15.81 -8.00 5.11
N TYR A 202 -15.55 -7.13 4.14
CA TYR A 202 -14.76 -5.93 4.39
C TYR A 202 -15.43 -4.77 3.67
N LYS A 203 -15.09 -3.56 4.08
CA LYS A 203 -15.49 -2.36 3.38
C LYS A 203 -14.27 -1.45 3.36
N GLU A 204 -14.44 -0.22 2.86
CA GLU A 204 -13.36 0.78 2.81
C GLU A 204 -12.48 0.84 4.05
N ASN A 205 -13.07 0.85 5.23
CA ASN A 205 -12.28 1.06 6.45
C ASN A 205 -11.38 -0.12 6.85
N VAL A 206 -11.39 -1.19 6.06
CA VAL A 206 -10.40 -2.24 6.21
C VAL A 206 -8.99 -1.65 6.12
N ASP A 207 -8.83 -0.63 5.28
CA ASP A 207 -7.53 0.02 5.07
C ASP A 207 -7.08 0.90 6.24
N ILE A 208 -8.05 1.38 7.04
CA ILE A 208 -7.80 2.14 8.25
C ILE A 208 -7.03 1.32 9.31
N TRP A 209 -7.36 0.04 9.46
CA TRP A 209 -6.60 -0.85 10.35
C TRP A 209 -5.11 -0.78 10.08
N SER A 210 -4.73 -0.95 8.82
CA SER A 210 -3.34 -0.91 8.38
C SER A 210 -2.65 0.42 8.67
N VAL A 211 -3.38 1.52 8.46
CA VAL A 211 -2.87 2.85 8.80
C VAL A 211 -2.60 2.96 10.30
N GLY A 212 -3.46 2.33 11.10
CA GLY A 212 -3.31 2.31 12.55
C GLY A 212 -2.08 1.56 12.99
N CYS A 213 -1.88 0.38 12.44
CA CYS A 213 -0.69 -0.44 12.72
C CYS A 213 0.60 0.30 12.38
N ILE A 214 0.58 1.05 11.28
CA ILE A 214 1.75 1.82 10.87
C ILE A 214 2.00 2.98 11.84
N MET A 215 0.95 3.74 12.16
CA MET A 215 1.05 4.84 13.12
C MET A 215 1.54 4.38 14.50
N GLY A 216 1.02 3.25 14.96
CA GLY A 216 1.45 2.69 16.23
C GLY A 216 2.93 2.34 16.19
N GLU A 217 3.35 1.68 15.12
CA GLU A 217 4.76 1.32 14.93
C GLU A 217 5.71 2.53 14.92
N MET A 218 5.28 3.61 14.28
CA MET A 218 6.01 4.89 14.31
C MET A 218 6.27 5.37 15.74
N ILE A 219 5.26 5.24 16.59
CA ILE A 219 5.30 5.75 17.95
C ILE A 219 6.14 4.86 18.87
N LYS A 220 5.95 3.55 18.74
CA LYS A 220 6.57 2.61 19.67
C LYS A 220 7.95 2.12 19.19
N GLY A 221 8.19 2.17 17.89
CA GLY A 221 9.50 1.85 17.32
C GLY A 221 9.67 0.41 16.90
N GLY A 222 8.59 -0.37 17.00
CA GLY A 222 8.58 -1.77 16.60
C GLY A 222 7.18 -2.20 16.20
N VAL A 223 7.09 -3.39 15.58
CA VAL A 223 5.83 -3.94 15.10
C VAL A 223 4.85 -4.13 16.25
N LEU A 224 3.64 -3.61 16.08
CA LEU A 224 2.59 -3.66 17.09
C LEU A 224 2.16 -5.08 17.38
N PHE A 225 1.73 -5.79 16.33
CA PHE A 225 1.13 -7.10 16.46
C PHE A 225 1.94 -8.13 15.66
N PRO A 226 3.08 -8.59 16.21
CA PRO A 226 3.96 -9.47 15.43
C PRO A 226 3.65 -10.95 15.56
N GLY A 227 2.60 -11.41 14.89
CA GLY A 227 2.19 -12.82 14.94
C GLY A 227 3.14 -13.72 14.18
N THR A 228 3.37 -14.92 14.72
CA THR A 228 4.31 -15.89 14.16
C THR A 228 3.69 -16.76 13.07
N ASP A 229 2.35 -16.73 13.01
CA ASP A 229 1.56 -17.41 11.97
C ASP A 229 0.20 -16.72 11.91
N HIS A 230 -0.70 -17.20 11.05
CA HIS A 230 -2.00 -16.53 10.86
C HIS A 230 -2.95 -16.58 12.08
N ILE A 231 -2.87 -17.66 12.85
CA ILE A 231 -3.69 -17.79 14.04
C ILE A 231 -3.08 -16.96 15.16
N ASP A 232 -1.75 -17.01 15.25
CA ASP A 232 -1.01 -16.21 16.21
C ASP A 232 -1.19 -14.71 16.01
N GLN A 233 -1.41 -14.32 14.74
CA GLN A 233 -1.66 -12.91 14.43
C GLN A 233 -2.90 -12.41 15.19
N TRP A 234 -3.99 -13.19 15.14
CA TRP A 234 -5.19 -12.92 15.92
C TRP A 234 -4.95 -12.76 17.43
N ASN A 235 -4.17 -13.69 17.99
CA ASN A 235 -3.92 -13.68 19.43
C ASN A 235 -3.15 -12.44 19.93
N LYS A 236 -2.17 -11.99 19.15
CA LYS A 236 -1.44 -10.78 19.52
C LYS A 236 -2.32 -9.54 19.44
N VAL A 237 -3.30 -9.55 18.55
CA VAL A 237 -4.27 -8.46 18.44
C VAL A 237 -5.16 -8.36 19.68
N ILE A 238 -5.83 -9.47 20.03
CA ILE A 238 -6.70 -9.51 21.23
C ILE A 238 -5.93 -9.34 22.55
N GLU A 239 -4.70 -9.83 22.63
CA GLU A 239 -3.88 -9.68 23.83
C GLU A 239 -3.72 -8.20 24.21
N GLN A 240 -3.54 -7.34 23.22
CA GLN A 240 -3.37 -5.90 23.46
C GLN A 240 -4.68 -5.12 23.50
N LEU A 241 -5.61 -5.46 22.59
CA LEU A 241 -6.84 -4.69 22.39
C LEU A 241 -8.07 -5.22 23.14
N GLY A 242 -8.05 -6.49 23.49
CA GLY A 242 -9.20 -7.10 24.15
C GLY A 242 -10.04 -7.96 23.21
N THR A 243 -10.60 -9.01 23.77
CA THR A 243 -11.54 -9.91 23.12
C THR A 243 -12.73 -9.11 22.60
N PRO A 244 -13.04 -9.24 21.29
CA PRO A 244 -14.16 -8.50 20.73
C PRO A 244 -15.50 -8.96 21.28
N CYS A 245 -16.52 -8.11 21.11
CA CYS A 245 -17.86 -8.34 21.63
C CYS A 245 -18.53 -9.57 20.98
N PRO A 246 -19.52 -10.16 21.69
CA PRO A 246 -20.40 -11.20 21.17
C PRO A 246 -20.97 -10.89 19.78
N GLU A 247 -21.44 -9.66 19.59
CA GLU A 247 -22.01 -9.22 18.30
C GLU A 247 -21.05 -9.47 17.16
N PHE A 248 -19.78 -9.14 17.37
CA PHE A 248 -18.71 -9.36 16.40
C PHE A 248 -18.51 -10.85 16.14
N MET A 249 -18.53 -11.65 17.22
CA MET A 249 -18.33 -13.10 17.13
C MET A 249 -19.39 -13.74 16.25
N LYS A 250 -20.59 -13.17 16.28
CA LYS A 250 -21.73 -13.66 15.50
C LYS A 250 -21.50 -13.53 14.01
N LYS A 251 -20.76 -12.50 13.60
CA LYS A 251 -20.47 -12.24 12.19
C LYS A 251 -19.45 -13.21 11.58
N LEU A 252 -18.80 -14.00 12.43
CA LEU A 252 -17.80 -14.96 11.97
C LEU A 252 -18.45 -16.20 11.36
N GLN A 253 -17.78 -16.78 10.37
CA GLN A 253 -18.16 -18.08 9.84
C GLN A 253 -18.06 -19.12 10.95
N PRO A 254 -18.95 -20.14 10.93
CA PRO A 254 -19.05 -21.16 11.99
C PRO A 254 -17.73 -21.74 12.49
N THR A 255 -16.87 -22.13 11.56
CA THR A 255 -15.63 -22.83 11.91
C THR A 255 -14.54 -21.91 12.50
N VAL A 256 -14.50 -20.66 12.03
CA VAL A 256 -13.56 -19.67 12.59
C VAL A 256 -14.09 -19.19 13.94
N ARG A 257 -15.40 -19.07 14.04
CA ARG A 257 -16.07 -18.75 15.29
C ARG A 257 -15.77 -19.76 16.42
N THR A 258 -15.79 -21.05 16.10
CA THR A 258 -15.49 -22.11 17.10
C THR A 258 -14.11 -21.93 17.72
N TYR A 259 -13.12 -21.54 16.90
CA TYR A 259 -11.81 -21.25 17.45
C TYR A 259 -11.79 -19.96 18.25
N VAL A 260 -12.20 -18.86 17.62
CA VAL A 260 -12.04 -17.51 18.17
C VAL A 260 -12.78 -17.30 19.49
N GLU A 261 -14.03 -17.72 19.52
CA GLU A 261 -14.93 -17.54 20.66
C GLU A 261 -14.47 -18.30 21.91
N ASN A 262 -13.69 -19.37 21.72
CA ASN A 262 -13.29 -20.23 22.83
C ASN A 262 -11.86 -20.00 23.34
N ARG A 263 -11.31 -18.81 23.08
CA ARG A 263 -10.01 -18.41 23.61
C ARG A 263 -10.22 -17.82 25.00
N PRO A 264 -9.14 -17.73 25.82
CA PRO A 264 -9.25 -16.96 27.06
C PRO A 264 -9.72 -15.53 26.79
N LYS A 265 -10.42 -14.93 27.76
CA LYS A 265 -11.01 -13.61 27.58
C LYS A 265 -10.05 -12.51 28.04
N TYR A 266 -9.65 -11.65 27.12
CA TYR A 266 -8.74 -10.55 27.43
C TYR A 266 -9.51 -9.23 27.50
N ALA A 267 -9.14 -8.39 28.44
CA ALA A 267 -9.82 -7.11 28.63
C ALA A 267 -9.21 -6.03 27.74
N GLY A 268 -7.99 -6.26 27.29
CA GLY A 268 -7.23 -5.25 26.56
C GLY A 268 -6.60 -4.25 27.51
N TYR A 269 -5.78 -3.36 26.96
CA TYR A 269 -5.23 -2.25 27.72
C TYR A 269 -5.78 -0.95 27.15
N SER A 270 -5.94 0.07 27.99
CA SER A 270 -6.35 1.39 27.52
C SER A 270 -5.27 1.94 26.61
N PHE A 271 -5.62 2.93 25.79
CA PHE A 271 -4.65 3.48 24.85
C PHE A 271 -3.52 4.31 25.51
N GLU A 272 -3.79 4.80 26.71
CA GLU A 272 -2.79 5.42 27.58
C GLU A 272 -1.72 4.42 28.01
N LYS A 273 -2.13 3.20 28.34
CA LYS A 273 -1.17 2.13 28.67
C LYS A 273 -0.39 1.70 27.42
N LEU A 274 -1.08 1.60 26.29
CA LEU A 274 -0.44 1.11 25.06
C LEU A 274 0.49 2.16 24.45
N PHE A 275 0.11 3.43 24.55
CA PHE A 275 0.91 4.52 23.97
C PHE A 275 1.08 5.67 24.98
N PRO A 276 1.89 5.44 26.04
CA PRO A 276 2.08 6.48 27.06
C PRO A 276 2.98 7.61 26.55
N ASP A 277 2.92 8.76 27.22
CA ASP A 277 3.70 9.95 26.84
C ASP A 277 5.19 9.64 26.62
N VAL A 278 5.74 8.81 27.50
CA VAL A 278 7.11 8.29 27.39
C VAL A 278 7.53 7.93 25.95
N LEU A 279 6.58 7.37 25.19
CA LEU A 279 6.86 6.84 23.85
C LEU A 279 6.96 7.91 22.77
N PHE A 280 6.35 9.07 23.02
CA PHE A 280 6.25 10.12 22.01
C PHE A 280 7.47 11.05 21.98
N PRO A 281 7.68 11.73 20.83
CA PRO A 281 8.57 12.88 20.79
C PRO A 281 7.93 14.07 21.50
N LEU A 289 -0.46 18.72 24.00
CA LEU A 289 -1.67 18.43 23.23
C LEU A 289 -1.49 17.31 22.20
N LYS A 290 -0.36 17.29 21.50
CA LYS A 290 -0.20 16.41 20.33
C LYS A 290 -0.27 14.91 20.62
N ALA A 291 0.46 14.43 21.63
CA ALA A 291 0.44 13.01 21.98
C ALA A 291 -0.95 12.51 22.38
N SER A 292 -1.68 13.38 23.08
CA SER A 292 -3.08 13.16 23.41
C SER A 292 -3.94 13.00 22.15
N GLN A 293 -3.69 13.84 21.15
CA GLN A 293 -4.37 13.81 19.86
C GLN A 293 -4.04 12.56 19.04
N ALA A 294 -2.77 12.15 19.06
CA ALA A 294 -2.33 10.91 18.41
C ALA A 294 -2.98 9.67 19.01
N ARG A 295 -2.95 9.56 20.35
CA ARG A 295 -3.62 8.46 21.05
C ARG A 295 -5.10 8.37 20.71
N ASP A 296 -5.79 9.51 20.73
CA ASP A 296 -7.21 9.57 20.36
C ASP A 296 -7.42 8.98 18.96
N LEU A 297 -6.61 9.39 17.99
CA LEU A 297 -6.72 8.87 16.62
C LEU A 297 -6.45 7.37 16.56
N LEU A 298 -5.37 6.93 17.20
CA LEU A 298 -5.05 5.53 17.33
C LEU A 298 -6.19 4.72 17.92
N SER A 299 -6.79 5.26 18.99
CA SER A 299 -7.87 4.56 19.67
C SER A 299 -9.07 4.37 18.76
N LYS A 300 -9.11 5.10 17.65
CA LYS A 300 -10.25 5.04 16.73
C LYS A 300 -9.95 4.22 15.48
N MET A 301 -8.67 4.13 15.12
CA MET A 301 -8.26 3.34 13.98
C MET A 301 -8.11 1.86 14.34
N LEU A 302 -7.49 1.62 15.49
CA LEU A 302 -7.24 0.27 15.97
C LEU A 302 -8.43 -0.28 16.75
N VAL A 303 -9.56 -0.41 16.04
CA VAL A 303 -10.77 -1.01 16.57
C VAL A 303 -10.99 -2.31 15.78
N ILE A 304 -11.09 -3.43 16.50
CA ILE A 304 -11.24 -4.74 15.89
C ILE A 304 -12.51 -4.84 15.04
N ASP A 305 -13.63 -4.43 15.60
CA ASP A 305 -14.92 -4.45 14.92
C ASP A 305 -15.03 -3.27 13.94
N ALA A 306 -14.92 -3.57 12.64
CA ALA A 306 -14.91 -2.54 11.60
C ALA A 306 -16.11 -1.58 11.62
N SER A 307 -17.24 -2.05 12.14
CA SER A 307 -18.47 -1.24 12.22
C SER A 307 -18.35 -0.15 13.29
N LYS A 308 -17.35 -0.30 14.15
CA LYS A 308 -17.05 0.69 15.19
C LYS A 308 -15.73 1.44 14.93
N ARG A 309 -15.09 1.14 13.80
CA ARG A 309 -13.80 1.73 13.42
C ARG A 309 -14.00 3.02 12.63
N ILE A 310 -13.04 3.95 12.77
CA ILE A 310 -13.09 5.25 12.10
C ILE A 310 -12.97 5.13 10.56
N SER A 311 -13.67 6.00 9.84
CA SER A 311 -13.59 6.05 8.39
C SER A 311 -12.38 6.84 7.94
N VAL A 312 -12.02 6.72 6.66
CA VAL A 312 -10.98 7.55 6.07
C VAL A 312 -11.32 9.04 6.13
N ASP A 313 -12.55 9.42 5.83
CA ASP A 313 -12.94 10.82 5.92
C ASP A 313 -12.78 11.39 7.34
N GLU A 314 -13.25 10.67 8.35
CA GLU A 314 -13.11 11.12 9.74
C GLU A 314 -11.63 11.17 10.16
N ALA A 315 -10.83 10.21 9.70
CA ALA A 315 -9.38 10.22 9.98
C ALA A 315 -8.71 11.46 9.38
N LEU A 316 -9.08 11.83 8.16
CA LEU A 316 -8.53 13.02 7.50
C LEU A 316 -8.93 14.32 8.18
N GLN A 317 -10.03 14.28 8.93
CA GLN A 317 -10.59 15.46 9.60
C GLN A 317 -10.13 15.56 11.04
N HIS A 318 -9.54 14.48 11.56
CA HIS A 318 -9.01 14.45 12.93
C HIS A 318 -8.00 15.57 13.12
N PRO A 319 -8.08 16.30 14.26
CA PRO A 319 -7.16 17.41 14.62
C PRO A 319 -5.68 17.07 14.40
N TYR A 320 -5.29 15.83 14.67
CA TYR A 320 -3.91 15.39 14.51
C TYR A 320 -3.45 15.36 13.04
N ILE A 321 -4.41 15.13 12.15
CA ILE A 321 -4.15 15.02 10.72
C ILE A 321 -4.59 16.27 9.96
N ASN A 322 -5.66 16.91 10.43
CA ASN A 322 -6.29 17.98 9.66
C ASN A 322 -5.43 19.23 9.44
N VAL A 323 -4.36 19.35 10.22
CA VAL A 323 -3.44 20.50 10.14
C VAL A 323 -2.87 20.72 8.73
N TRP A 324 -2.79 19.64 7.95
CA TRP A 324 -2.20 19.67 6.61
C TRP A 324 -3.23 19.87 5.48
N TYR A 325 -4.50 19.87 5.85
CA TYR A 325 -5.58 19.78 4.88
C TYR A 325 -5.48 20.74 3.68
N ASP A 326 -5.62 20.16 2.49
CA ASP A 326 -5.75 20.91 1.24
C ASP A 326 -6.68 20.09 0.34
N PRO A 327 -7.85 20.66 -0.03
CA PRO A 327 -8.92 19.96 -0.75
C PRO A 327 -8.49 19.38 -2.10
N SER A 328 -7.51 20.01 -2.74
CA SER A 328 -6.98 19.51 -4.00
C SER A 328 -6.30 18.16 -3.81
N GLU A 329 -5.81 17.92 -2.60
CA GLU A 329 -5.18 16.66 -2.22
C GLU A 329 -6.18 15.69 -1.55
N ALA A 330 -7.01 16.23 -0.65
CA ALA A 330 -7.85 15.40 0.22
C ALA A 330 -9.29 15.22 -0.27
N GLU A 331 -9.67 15.95 -1.33
CA GLU A 331 -11.00 15.83 -1.93
C GLU A 331 -10.89 15.89 -3.46
N ALA A 332 -9.87 15.24 -3.99
CA ALA A 332 -9.61 15.21 -5.43
C ALA A 332 -10.69 14.42 -6.15
N PRO A 333 -11.00 14.78 -7.42
CA PRO A 333 -12.00 14.02 -8.17
C PRO A 333 -11.45 12.67 -8.65
N PRO A 334 -12.25 11.59 -8.51
CA PRO A 334 -11.89 10.27 -9.04
C PRO A 334 -11.72 10.24 -10.56
N ARG A 345 -14.05 -8.50 -18.20
CA ARG A 345 -14.84 -9.71 -17.94
C ARG A 345 -14.17 -10.94 -18.56
N GLU A 346 -14.93 -11.76 -19.28
CA GLU A 346 -14.40 -12.99 -19.87
C GLU A 346 -13.89 -12.78 -21.29
N HIS A 347 -12.62 -13.11 -21.50
CA HIS A 347 -11.99 -13.03 -22.81
C HIS A 347 -11.02 -14.21 -22.99
N THR A 348 -10.72 -14.54 -24.23
CA THR A 348 -9.66 -15.52 -24.53
C THR A 348 -8.30 -14.84 -24.30
N ILE A 349 -7.21 -15.62 -24.33
CA ILE A 349 -5.86 -15.09 -24.15
C ILE A 349 -5.50 -14.08 -25.25
N GLU A 350 -5.76 -14.44 -26.50
CA GLU A 350 -5.48 -13.56 -27.64
C GLU A 350 -6.34 -12.29 -27.62
N GLU A 351 -7.54 -12.39 -27.03
CA GLU A 351 -8.40 -11.22 -26.81
C GLU A 351 -7.83 -10.28 -25.76
N TRP A 352 -7.27 -10.87 -24.70
CA TRP A 352 -6.57 -10.11 -23.66
C TRP A 352 -5.30 -9.46 -24.21
N LYS A 353 -4.53 -10.22 -25.01
CA LYS A 353 -3.37 -9.70 -25.74
C LYS A 353 -3.72 -8.43 -26.51
N GLU A 354 -4.80 -8.51 -27.29
CA GLU A 354 -5.30 -7.39 -28.09
C GLU A 354 -5.69 -6.20 -27.22
N LEU A 355 -6.41 -6.46 -26.13
CA LEU A 355 -6.84 -5.38 -25.24
C LEU A 355 -5.66 -4.71 -24.55
N ILE A 356 -4.65 -5.52 -24.22
CA ILE A 356 -3.43 -5.03 -23.58
C ILE A 356 -2.56 -4.26 -24.58
N TYR A 357 -2.39 -4.82 -25.78
CA TYR A 357 -1.66 -4.14 -26.85
C TYR A 357 -2.25 -2.74 -27.16
N LYS A 358 -3.58 -2.62 -27.16
CA LYS A 358 -4.23 -1.32 -27.37
C LYS A 358 -3.83 -0.35 -26.27
N GLU A 359 -3.76 -0.87 -25.05
CA GLU A 359 -3.46 -0.07 -23.88
C GLU A 359 -2.00 0.43 -23.90
N VAL A 360 -1.08 -0.44 -24.30
CA VAL A 360 0.33 -0.08 -24.43
C VAL A 360 0.49 1.00 -25.51
N MET A 361 -0.20 0.80 -26.63
CA MET A 361 -0.14 1.74 -27.76
C MET A 361 -0.90 3.04 -27.51
N PRO B 2 1.16 25.82 10.37
CA PRO B 2 2.34 24.95 10.35
C PRO B 2 2.80 24.68 8.92
N LYS B 3 4.12 24.70 8.71
CA LYS B 3 4.70 24.39 7.41
C LYS B 3 5.11 22.91 7.31
N ARG B 4 4.88 22.35 6.13
CA ARG B 4 5.10 20.92 5.86
C ARG B 4 6.59 20.56 5.87
N PRO B 5 6.95 19.44 6.51
CA PRO B 5 8.34 18.97 6.49
C PRO B 5 8.85 18.81 5.06
N THR B 6 10.10 19.19 4.82
CA THR B 6 10.68 19.10 3.49
C THR B 6 11.90 18.17 3.44
N THR B 7 12.15 17.48 4.54
CA THR B 7 13.25 16.52 4.62
C THR B 7 12.85 15.24 5.36
N LEU B 8 13.52 14.13 5.02
CA LEU B 8 13.28 12.86 5.69
C LEU B 8 14.52 11.99 5.63
N ASN B 9 14.99 11.55 6.79
CA ASN B 9 16.18 10.69 6.87
C ASN B 9 15.90 9.26 6.41
N LEU B 10 16.77 8.75 5.54
CA LEU B 10 16.58 7.44 4.94
C LEU B 10 17.47 6.37 5.56
#